data_2GGU
#
_entry.id   2GGU
#
_cell.length_a   55.730
_cell.length_b   108.930
_cell.length_c   55.840
_cell.angle_alpha   90.00
_cell.angle_beta   91.12
_cell.angle_gamma   90.00
#
_symmetry.space_group_name_H-M   'P 1 21 1'
#
loop_
_entity.id
_entity.type
_entity.pdbx_description
1 polymer 'Pulmonary surfactant-associated protein D'
2 branched alpha-D-glucopyranose-(1-4)-alpha-D-glucopyranose-(1-4)-alpha-D-glucopyranose
3 non-polymer 'CALCIUM ION'
4 water water
#
_entity_poly.entity_id   1
_entity_poly.type   'polypeptide(L)'
_entity_poly.pdbx_seq_one_letter_code
;AMADIGSDVASLRQQVEALQGQVQHLQAAFSQYKKVELFPNGQSVGEKIFKTAGFVKPFTEAQLLCTQAGGQLASPRSAA
ENAALQQLVVAKNEAAFLSMTDSKTEGKFTYPTGESLVYSNWAPGEPNDDGGSEDCVEIFTNGKWNDRACGEKRLVVCEF
;
_entity_poly.pdbx_strand_id   A,B,C
#
loop_
_chem_comp.id
_chem_comp.type
_chem_comp.name
_chem_comp.formula
CA non-polymer 'CALCIUM ION' 'Ca 2'
GLC D-saccharide, alpha linking alpha-D-glucopyranose 'C6 H12 O6'
#
# COMPACT_ATOMS: atom_id res chain seq x y z
N ALA A 10 28.75 9.12 35.33
CA ALA A 10 27.45 8.58 34.82
C ALA A 10 27.15 9.14 33.42
N SER A 11 27.67 8.48 32.40
CA SER A 11 27.43 8.90 31.03
C SER A 11 26.11 8.32 30.55
N LEU A 12 25.36 7.72 31.49
CA LEU A 12 24.07 7.12 31.17
C LEU A 12 23.13 8.24 30.75
N ARG A 13 23.41 9.44 31.22
CA ARG A 13 22.61 10.61 30.89
C ARG A 13 22.83 10.92 29.42
N GLN A 14 24.05 10.67 28.94
CA GLN A 14 24.39 10.91 27.55
C GLN A 14 23.88 9.75 26.71
N GLN A 15 23.80 8.59 27.34
CA GLN A 15 23.32 7.37 26.69
C GLN A 15 21.82 7.48 26.45
N VAL A 16 21.14 8.11 27.41
CA VAL A 16 19.69 8.31 27.32
C VAL A 16 19.42 9.37 26.25
N GLU A 17 20.31 10.34 26.17
CA GLU A 17 20.19 11.42 25.19
C GLU A 17 20.21 10.80 23.80
N ALA A 18 21.12 9.85 23.61
CA ALA A 18 21.27 9.16 22.33
C ALA A 18 19.99 8.46 21.91
N LEU A 19 19.51 7.55 22.75
CA LEU A 19 18.30 6.80 22.44
C LEU A 19 17.11 7.73 22.21
N GLN A 20 17.09 8.84 22.94
CA GLN A 20 16.02 9.82 22.81
C GLN A 20 15.97 10.27 21.36
N GLY A 21 17.14 10.49 20.78
CA GLY A 21 17.24 10.92 19.40
C GLY A 21 16.85 9.84 18.39
N GLN A 22 17.26 8.60 18.65
CA GLN A 22 16.93 7.51 17.75
C GLN A 22 15.44 7.24 17.73
N VAL A 23 14.84 7.18 18.92
CA VAL A 23 13.41 6.95 19.03
C VAL A 23 12.58 8.02 18.35
N GLN A 24 13.00 9.27 18.49
CA GLN A 24 12.27 10.37 17.88
C GLN A 24 12.41 10.34 16.36
N HIS A 25 13.59 9.94 15.89
CA HIS A 25 13.86 9.84 14.45
C HIS A 25 12.94 8.75 13.89
N LEU A 26 12.77 7.68 14.65
CA LEU A 26 11.92 6.57 14.26
C LEU A 26 10.45 6.99 14.29
N GLN A 27 10.07 7.75 15.33
CA GLN A 27 8.70 8.23 15.46
C GLN A 27 8.31 9.08 14.25
N ALA A 28 9.26 9.89 13.78
CA ALA A 28 9.01 10.77 12.63
C ALA A 28 8.86 9.97 11.32
N ALA A 29 9.78 9.04 11.09
CA ALA A 29 9.74 8.23 9.88
C ALA A 29 8.46 7.39 9.86
N PHE A 30 8.12 6.80 10.99
CA PHE A 30 6.92 5.99 11.09
C PHE A 30 5.67 6.81 10.79
N SER A 31 5.60 8.02 11.33
CA SER A 31 4.44 8.87 11.10
C SER A 31 4.29 9.17 9.61
N GLN A 32 5.41 9.41 8.94
CA GLN A 32 5.38 9.71 7.51
C GLN A 32 4.96 8.49 6.69
N TYR A 33 5.53 7.33 7.00
CA TYR A 33 5.20 6.13 6.26
C TYR A 33 3.77 5.66 6.51
N LYS A 34 3.21 6.05 7.65
CA LYS A 34 1.84 5.66 7.96
C LYS A 34 0.89 6.43 7.06
N LYS A 35 1.15 7.73 6.88
CA LYS A 35 0.30 8.54 6.02
C LYS A 35 0.38 8.02 4.59
N VAL A 36 1.59 7.67 4.15
CA VAL A 36 1.80 7.13 2.81
C VAL A 36 1.04 5.82 2.63
N GLU A 37 1.10 4.97 3.65
CA GLU A 37 0.45 3.66 3.65
C GLU A 37 -1.06 3.74 3.44
N LEU A 38 -1.70 4.69 4.12
CA LEU A 38 -3.15 4.85 4.06
C LEU A 38 -3.69 5.51 2.80
N PHE A 39 -2.80 6.11 2.02
CA PHE A 39 -3.21 6.77 0.78
C PHE A 39 -3.06 5.82 -0.40
N PRO A 40 -4.15 5.55 -1.14
CA PRO A 40 -5.51 6.07 -0.96
C PRO A 40 -6.51 5.00 -0.52
N ASN A 41 -6.03 3.85 -0.06
CA ASN A 41 -6.95 2.77 0.30
C ASN A 41 -7.23 2.52 1.77
N GLY A 42 -6.79 3.43 2.63
CA GLY A 42 -7.02 3.26 4.05
C GLY A 42 -7.55 4.49 4.74
N GLN A 43 -8.10 4.29 5.94
CA GLN A 43 -8.63 5.38 6.74
C GLN A 43 -8.39 5.11 8.21
N SER A 44 -7.82 6.10 8.89
CA SER A 44 -7.51 6.00 10.31
C SER A 44 -8.54 6.75 11.14
N VAL A 45 -9.03 6.12 12.19
CA VAL A 45 -10.00 6.75 13.09
C VAL A 45 -9.71 6.22 14.48
N GLY A 46 -9.30 7.11 15.37
CA GLY A 46 -8.96 6.68 16.71
C GLY A 46 -7.79 5.73 16.55
N GLU A 47 -7.82 4.59 17.23
CA GLU A 47 -6.75 3.60 17.13
C GLU A 47 -7.05 2.53 16.09
N LYS A 48 -8.17 2.70 15.38
CA LYS A 48 -8.57 1.74 14.36
C LYS A 48 -8.12 2.17 12.97
N ILE A 49 -7.82 1.19 12.11
CA ILE A 49 -7.42 1.48 10.74
C ILE A 49 -8.24 0.61 9.79
N PHE A 50 -8.94 1.26 8.88
CA PHE A 50 -9.73 0.58 7.86
C PHE A 50 -8.89 0.56 6.59
N LYS A 51 -8.91 -0.55 5.87
CA LYS A 51 -8.21 -0.61 4.59
C LYS A 51 -8.99 -1.50 3.65
N THR A 52 -9.25 -1.00 2.46
CA THR A 52 -9.99 -1.77 1.50
C THR A 52 -9.06 -2.52 0.55
N ALA A 53 -9.48 -3.72 0.15
CA ALA A 53 -8.71 -4.53 -0.78
C ALA A 53 -8.90 -4.00 -2.19
N GLY A 54 -9.93 -3.18 -2.37
CA GLY A 54 -10.20 -2.61 -3.67
C GLY A 54 -11.08 -3.43 -4.59
N PHE A 55 -11.45 -4.64 -4.18
CA PHE A 55 -12.31 -5.49 -5.00
C PHE A 55 -13.48 -6.06 -4.21
N VAL A 56 -14.42 -6.70 -4.92
CA VAL A 56 -15.60 -7.26 -4.28
C VAL A 56 -15.50 -8.78 -4.09
N LYS A 57 -16.18 -9.27 -3.06
CA LYS A 57 -16.22 -10.69 -2.74
C LYS A 57 -17.49 -10.98 -1.93
N PRO A 58 -17.96 -12.23 -1.97
CA PRO A 58 -19.17 -12.58 -1.21
C PRO A 58 -18.76 -12.48 0.26
N PHE A 59 -19.72 -12.44 1.17
CA PHE A 59 -19.41 -12.31 2.61
C PHE A 59 -18.40 -13.31 3.18
N THR A 60 -18.64 -14.60 2.99
CA THR A 60 -17.73 -15.60 3.53
C THR A 60 -16.28 -15.41 3.06
N GLU A 61 -16.11 -15.16 1.78
CA GLU A 61 -14.77 -14.97 1.22
C GLU A 61 -14.12 -13.69 1.75
N ALA A 62 -14.91 -12.64 1.92
CA ALA A 62 -14.42 -11.36 2.42
C ALA A 62 -13.99 -11.48 3.88
N GLN A 63 -14.82 -12.19 4.66
CA GLN A 63 -14.54 -12.39 6.07
C GLN A 63 -13.24 -13.19 6.24
N LEU A 64 -13.04 -14.21 5.40
CA LEU A 64 -11.83 -15.01 5.47
C LEU A 64 -10.58 -14.21 5.13
N LEU A 65 -10.69 -13.34 4.12
CA LEU A 65 -9.56 -12.52 3.73
C LEU A 65 -9.12 -11.65 4.90
N CYS A 66 -10.08 -11.02 5.58
CA CYS A 66 -9.75 -10.16 6.72
C CYS A 66 -9.15 -10.94 7.89
N THR A 67 -9.77 -12.06 8.25
CA THR A 67 -9.27 -12.84 9.38
C THR A 67 -7.88 -13.39 9.09
N GLN A 68 -7.66 -13.88 7.87
CA GLN A 68 -6.35 -14.41 7.50
C GLN A 68 -5.28 -13.31 7.54
N ALA A 69 -5.73 -12.06 7.39
CA ALA A 69 -4.83 -10.92 7.42
C ALA A 69 -4.58 -10.41 8.84
N GLY A 70 -5.18 -11.06 9.83
CA GLY A 70 -4.96 -10.64 11.21
C GLY A 70 -5.92 -9.58 11.70
N GLY A 71 -6.99 -9.36 10.96
CA GLY A 71 -7.97 -8.37 11.34
C GLY A 71 -9.37 -8.96 11.23
N GLN A 72 -10.34 -8.12 10.85
CA GLN A 72 -11.71 -8.58 10.67
C GLN A 72 -12.44 -7.61 9.76
N LEU A 73 -13.61 -8.00 9.28
CA LEU A 73 -14.39 -7.12 8.41
C LEU A 73 -14.69 -5.83 9.17
N ALA A 74 -14.85 -4.73 8.44
CA ALA A 74 -15.15 -3.43 9.05
C ALA A 74 -16.34 -3.53 9.98
N SER A 75 -16.16 -3.00 11.19
CA SER A 75 -17.18 -3.03 12.22
C SER A 75 -17.31 -1.65 12.87
N PRO A 76 -17.95 -0.70 12.17
CA PRO A 76 -18.10 0.65 12.71
C PRO A 76 -18.88 0.68 14.02
N ARG A 77 -18.23 1.13 15.08
CA ARG A 77 -18.87 1.16 16.40
C ARG A 77 -19.26 2.57 16.86
N SER A 78 -19.23 3.54 15.95
CA SER A 78 -19.60 4.92 16.26
C SER A 78 -19.82 5.71 14.97
N ALA A 79 -20.40 6.90 15.10
CA ALA A 79 -20.65 7.73 13.92
C ALA A 79 -19.32 8.12 13.30
N ALA A 80 -18.31 8.30 14.14
CA ALA A 80 -16.97 8.66 13.68
C ALA A 80 -16.38 7.57 12.79
N GLU A 81 -16.43 6.32 13.25
CA GLU A 81 -15.89 5.21 12.48
C GLU A 81 -16.69 4.99 11.21
N ASN A 82 -18.00 5.17 11.29
CA ASN A 82 -18.84 4.95 10.12
C ASN A 82 -18.51 5.95 9.03
N ALA A 83 -18.31 7.21 9.41
CA ALA A 83 -17.98 8.25 8.45
C ALA A 83 -16.66 7.94 7.77
N ALA A 84 -15.71 7.43 8.55
CA ALA A 84 -14.39 7.07 8.03
C ALA A 84 -14.54 5.97 6.99
N LEU A 85 -15.30 4.93 7.34
CA LEU A 85 -15.52 3.83 6.43
C LEU A 85 -16.27 4.32 5.18
N GLN A 86 -17.20 5.25 5.36
CA GLN A 86 -17.95 5.80 4.24
C GLN A 86 -17.02 6.45 3.20
N GLN A 87 -15.93 7.04 3.67
CA GLN A 87 -14.98 7.67 2.75
C GLN A 87 -14.43 6.67 1.74
N LEU A 88 -14.04 5.48 2.20
CA LEU A 88 -13.51 4.46 1.31
C LEU A 88 -14.59 3.95 0.34
N VAL A 89 -15.80 3.76 0.86
CA VAL A 89 -16.89 3.29 0.03
C VAL A 89 -17.17 4.30 -1.09
N VAL A 90 -17.23 5.57 -0.72
CA VAL A 90 -17.46 6.64 -1.67
C VAL A 90 -16.32 6.71 -2.69
N ALA A 91 -15.08 6.59 -2.22
CA ALA A 91 -13.93 6.65 -3.11
C ALA A 91 -13.97 5.56 -4.17
N LYS A 92 -14.34 4.34 -3.77
CA LYS A 92 -14.41 3.22 -4.69
C LYS A 92 -15.77 3.17 -5.37
N ASN A 93 -16.72 3.91 -4.82
CA ASN A 93 -18.09 3.95 -5.34
C ASN A 93 -18.63 2.52 -5.37
N GLU A 94 -18.42 1.80 -4.27
CA GLU A 94 -18.87 0.42 -4.14
C GLU A 94 -19.30 0.16 -2.70
N ALA A 95 -20.55 -0.26 -2.51
CA ALA A 95 -21.05 -0.57 -1.18
C ALA A 95 -20.18 -1.69 -0.62
N ALA A 96 -19.97 -1.68 0.69
CA ALA A 96 -19.12 -2.67 1.33
C ALA A 96 -19.84 -3.50 2.39
N PHE A 97 -19.32 -4.70 2.65
CA PHE A 97 -19.89 -5.56 3.69
C PHE A 97 -19.34 -5.13 5.05
N LEU A 98 -20.17 -5.27 6.08
CA LEU A 98 -19.74 -4.99 7.43
C LEU A 98 -19.54 -6.39 8.03
N SER A 99 -19.01 -6.49 9.23
CA SER A 99 -18.78 -7.80 9.83
C SER A 99 -19.99 -8.44 10.48
N MET A 100 -20.99 -7.63 10.83
CA MET A 100 -22.16 -8.13 11.54
C MET A 100 -23.23 -8.90 10.76
N THR A 101 -23.82 -9.90 11.42
CA THR A 101 -24.87 -10.71 10.80
C THR A 101 -25.91 -11.10 11.84
N ASP A 102 -27.09 -11.51 11.38
CA ASP A 102 -28.13 -11.96 12.29
C ASP A 102 -28.41 -13.42 11.96
N SER A 103 -27.37 -14.13 11.56
CA SER A 103 -27.46 -15.55 11.20
C SER A 103 -27.89 -16.46 12.34
N LYS A 104 -27.41 -16.21 13.54
CA LYS A 104 -27.75 -17.05 14.69
C LYS A 104 -29.19 -16.86 15.12
N THR A 105 -29.62 -15.62 15.25
CA THR A 105 -30.98 -15.31 15.66
C THR A 105 -31.53 -14.20 14.78
N GLU A 106 -32.36 -14.60 13.81
CA GLU A 106 -32.98 -13.66 12.88
C GLU A 106 -33.47 -12.39 13.57
N GLY A 107 -33.05 -11.24 13.05
CA GLY A 107 -33.45 -9.97 13.63
C GLY A 107 -32.45 -9.35 14.60
N LYS A 108 -31.58 -10.18 15.17
CA LYS A 108 -30.59 -9.68 16.13
C LYS A 108 -29.19 -9.71 15.53
N PHE A 109 -28.71 -8.56 15.08
CA PHE A 109 -27.39 -8.49 14.49
C PHE A 109 -26.30 -8.43 15.54
N THR A 110 -25.22 -9.16 15.31
CA THR A 110 -24.11 -9.22 16.26
C THR A 110 -22.75 -9.16 15.57
N TYR A 111 -21.72 -8.84 16.36
CA TYR A 111 -20.35 -8.78 15.87
C TYR A 111 -19.82 -10.21 15.87
N PRO A 112 -18.67 -10.45 15.21
CA PRO A 112 -18.09 -11.79 15.16
C PRO A 112 -17.94 -12.47 16.52
N THR A 113 -17.84 -11.67 17.58
CA THR A 113 -17.70 -12.22 18.93
C THR A 113 -19.04 -12.67 19.53
N GLY A 114 -20.14 -12.23 18.93
CA GLY A 114 -21.44 -12.61 19.43
C GLY A 114 -22.12 -11.48 20.16
N GLU A 115 -21.38 -10.42 20.46
CA GLU A 115 -21.94 -9.26 21.14
C GLU A 115 -22.93 -8.52 20.26
N SER A 116 -24.02 -8.04 20.85
CA SER A 116 -25.03 -7.30 20.11
C SER A 116 -24.50 -5.91 19.76
N LEU A 117 -25.04 -5.31 18.70
CA LEU A 117 -24.61 -3.99 18.24
C LEU A 117 -24.65 -2.86 19.28
N VAL A 118 -23.61 -2.03 19.29
CA VAL A 118 -23.53 -0.89 20.20
C VAL A 118 -23.78 0.39 19.40
N TYR A 119 -23.88 0.23 18.08
CA TYR A 119 -24.12 1.35 17.16
C TYR A 119 -24.69 0.79 15.86
N SER A 120 -25.56 1.57 15.23
CA SER A 120 -26.16 1.17 13.96
C SER A 120 -26.50 2.43 13.16
N ASN A 121 -26.62 2.28 11.84
CA ASN A 121 -26.96 3.41 10.98
C ASN A 121 -27.84 2.91 9.85
N TRP A 122 -28.87 2.15 10.22
CA TRP A 122 -29.81 1.57 9.27
C TRP A 122 -30.53 2.62 8.44
N ALA A 123 -30.68 2.35 7.15
CA ALA A 123 -31.40 3.26 6.26
C ALA A 123 -32.86 3.08 6.65
N PRO A 124 -33.70 4.09 6.37
CA PRO A 124 -35.13 3.99 6.70
C PRO A 124 -35.74 2.69 6.18
N GLY A 125 -36.45 1.97 7.05
CA GLY A 125 -37.07 0.73 6.64
C GLY A 125 -36.22 -0.51 6.85
N GLU A 126 -34.94 -0.31 7.18
CA GLU A 126 -34.03 -1.43 7.41
C GLU A 126 -33.76 -1.64 8.90
N PRO A 127 -33.40 -2.86 9.29
CA PRO A 127 -33.22 -4.04 8.43
C PRO A 127 -34.60 -4.68 8.20
N ASN A 128 -34.84 -5.22 7.01
CA ASN A 128 -36.14 -5.82 6.70
C ASN A 128 -36.14 -7.31 6.32
N ASP A 129 -34.97 -7.94 6.31
CA ASP A 129 -34.87 -9.35 5.93
C ASP A 129 -35.72 -9.58 4.68
N ASP A 130 -35.50 -8.76 3.66
CA ASP A 130 -36.26 -8.86 2.44
C ASP A 130 -36.07 -10.20 1.73
N GLY A 131 -37.19 -10.84 1.39
CA GLY A 131 -37.13 -12.13 0.74
C GLY A 131 -37.00 -13.25 1.74
N GLY A 132 -36.90 -12.90 3.01
CA GLY A 132 -36.75 -13.89 4.07
C GLY A 132 -35.32 -14.38 4.24
N SER A 133 -34.38 -13.76 3.53
CA SER A 133 -32.99 -14.21 3.62
C SER A 133 -31.92 -13.13 3.50
N GLU A 134 -31.94 -12.16 4.40
CA GLU A 134 -30.91 -11.12 4.41
C GLU A 134 -30.28 -11.09 5.80
N ASP A 135 -29.15 -11.77 5.94
CA ASP A 135 -28.46 -11.87 7.22
C ASP A 135 -27.10 -11.15 7.30
N CYS A 136 -26.70 -10.50 6.21
CA CYS A 136 -25.45 -9.74 6.21
C CYS A 136 -25.78 -8.25 6.11
N VAL A 137 -24.78 -7.39 6.28
CA VAL A 137 -25.02 -5.95 6.23
C VAL A 137 -24.07 -5.22 5.28
N GLU A 138 -24.63 -4.31 4.48
CA GLU A 138 -23.84 -3.51 3.55
C GLU A 138 -23.98 -2.04 3.94
N ILE A 139 -22.93 -1.27 3.69
CA ILE A 139 -22.98 0.16 3.95
C ILE A 139 -22.91 0.83 2.57
N PHE A 140 -23.92 1.65 2.28
CA PHE A 140 -24.03 2.36 1.01
C PHE A 140 -23.08 3.55 0.95
N THR A 141 -23.00 4.17 -0.23
CA THR A 141 -22.15 5.34 -0.40
C THR A 141 -22.65 6.52 0.44
N ASN A 142 -23.92 6.48 0.85
CA ASN A 142 -24.48 7.54 1.67
C ASN A 142 -24.25 7.24 3.15
N GLY A 143 -23.53 6.15 3.43
CA GLY A 143 -23.23 5.79 4.80
C GLY A 143 -24.30 5.03 5.55
N LYS A 144 -25.50 4.90 4.99
CA LYS A 144 -26.56 4.16 5.67
C LYS A 144 -26.40 2.64 5.47
N TRP A 145 -26.97 1.86 6.39
CA TRP A 145 -26.88 0.40 6.32
C TRP A 145 -28.14 -0.27 5.79
N ASN A 146 -27.94 -1.46 5.22
CA ASN A 146 -29.03 -2.26 4.68
C ASN A 146 -28.68 -3.74 4.82
N ASP A 147 -29.59 -4.54 5.36
CA ASP A 147 -29.29 -5.96 5.46
C ASP A 147 -29.45 -6.48 4.03
N ARG A 148 -28.56 -7.39 3.64
CA ARG A 148 -28.56 -7.91 2.29
C ARG A 148 -28.12 -9.37 2.30
N ALA A 149 -28.39 -10.08 1.20
CA ALA A 149 -28.02 -11.49 1.10
C ALA A 149 -26.51 -11.65 1.16
N CYS A 150 -26.06 -12.51 2.07
CA CYS A 150 -24.63 -12.78 2.27
C CYS A 150 -23.91 -13.27 1.01
N GLY A 151 -24.68 -13.77 0.05
CA GLY A 151 -24.10 -14.29 -1.17
C GLY A 151 -23.74 -13.22 -2.20
N GLU A 152 -24.21 -12.00 -2.00
CA GLU A 152 -23.91 -10.92 -2.93
C GLU A 152 -22.43 -10.54 -2.76
N LYS A 153 -21.85 -9.98 -3.79
CA LYS A 153 -20.44 -9.57 -3.74
C LYS A 153 -20.36 -8.09 -3.43
N ARG A 154 -19.64 -7.74 -2.37
CA ARG A 154 -19.50 -6.33 -1.99
C ARG A 154 -18.03 -5.99 -1.72
N LEU A 155 -17.73 -4.69 -1.65
CA LEU A 155 -16.37 -4.24 -1.40
C LEU A 155 -15.79 -4.82 -0.12
N VAL A 156 -14.56 -5.32 -0.20
CA VAL A 156 -13.88 -5.90 0.95
C VAL A 156 -13.09 -4.82 1.70
N VAL A 157 -13.50 -4.55 2.92
CA VAL A 157 -12.83 -3.56 3.76
C VAL A 157 -12.56 -4.21 5.11
N CYS A 158 -11.29 -4.25 5.50
CA CYS A 158 -10.94 -4.85 6.77
C CYS A 158 -10.54 -3.80 7.79
N GLU A 159 -10.61 -4.15 9.06
CA GLU A 159 -10.20 -3.23 10.11
C GLU A 159 -9.08 -3.89 10.90
N PHE A 160 -8.09 -3.09 11.26
CA PHE A 160 -6.93 -3.55 12.01
C PHE A 160 -6.72 -2.65 13.23
N ALA B 10 21.71 2.38 38.69
CA ALA B 10 22.33 1.14 38.14
C ALA B 10 21.31 0.37 37.32
N SER B 11 20.09 0.26 37.85
CA SER B 11 19.02 -0.44 37.17
C SER B 11 18.67 0.32 35.89
N LEU B 12 18.86 1.64 35.93
CA LEU B 12 18.56 2.49 34.79
C LEU B 12 19.49 2.19 33.62
N ARG B 13 20.76 1.92 33.91
CA ARG B 13 21.74 1.61 32.88
C ARG B 13 21.30 0.34 32.16
N GLN B 14 20.76 -0.60 32.92
CA GLN B 14 20.30 -1.88 32.36
C GLN B 14 19.02 -1.65 31.55
N GLN B 15 18.14 -0.81 32.07
CA GLN B 15 16.89 -0.50 31.38
C GLN B 15 17.22 0.17 30.05
N VAL B 16 18.27 0.99 30.06
CA VAL B 16 18.69 1.68 28.85
C VAL B 16 19.18 0.71 27.78
N GLU B 17 20.05 -0.21 28.17
CA GLU B 17 20.57 -1.19 27.23
C GLU B 17 19.42 -1.98 26.62
N ALA B 18 18.45 -2.35 27.45
CA ALA B 18 17.29 -3.10 26.99
C ALA B 18 16.55 -2.33 25.91
N LEU B 19 16.33 -1.03 26.15
CA LEU B 19 15.64 -0.19 25.18
C LEU B 19 16.44 -0.11 23.88
N GLN B 20 17.77 -0.12 24.01
CA GLN B 20 18.65 -0.07 22.85
C GLN B 20 18.39 -1.27 21.94
N GLY B 21 18.25 -2.44 22.55
CA GLY B 21 17.99 -3.64 21.77
C GLY B 21 16.65 -3.58 21.07
N GLN B 22 15.62 -3.11 21.77
CA GLN B 22 14.29 -3.01 21.18
C GLN B 22 14.29 -2.02 20.01
N VAL B 23 15.00 -0.91 20.19
CA VAL B 23 15.09 0.10 19.14
C VAL B 23 15.78 -0.46 17.91
N GLN B 24 16.93 -1.12 18.10
CA GLN B 24 17.65 -1.69 16.98
C GLN B 24 16.74 -2.63 16.17
N HIS B 25 15.98 -3.45 16.88
CA HIS B 25 15.05 -4.38 16.22
C HIS B 25 14.05 -3.63 15.36
N LEU B 26 13.42 -2.61 15.95
CA LEU B 26 12.43 -1.81 15.23
C LEU B 26 13.01 -1.13 14.00
N GLN B 27 14.20 -0.56 14.17
CA GLN B 27 14.88 0.12 13.07
C GLN B 27 15.08 -0.82 11.89
N ALA B 28 15.57 -2.03 12.18
CA ALA B 28 15.83 -3.02 11.14
C ALA B 28 14.55 -3.51 10.45
N ALA B 29 13.57 -3.92 11.23
CA ALA B 29 12.31 -4.40 10.68
C ALA B 29 11.63 -3.35 9.83
N PHE B 30 11.63 -2.11 10.32
CA PHE B 30 11.00 -1.00 9.63
C PHE B 30 11.70 -0.63 8.32
N SER B 31 13.03 -0.73 8.29
CA SER B 31 13.76 -0.43 7.07
C SER B 31 13.29 -1.37 5.97
N GLN B 32 13.01 -2.62 6.33
CA GLN B 32 12.55 -3.58 5.32
C GLN B 32 11.15 -3.22 4.83
N TYR B 33 10.26 -2.87 5.75
CA TYR B 33 8.90 -2.52 5.37
C TYR B 33 8.82 -1.22 4.56
N LYS B 34 9.84 -0.36 4.68
CA LYS B 34 9.83 0.88 3.91
C LYS B 34 9.95 0.52 2.43
N LYS B 35 10.77 -0.47 2.12
CA LYS B 35 10.96 -0.90 0.74
C LYS B 35 9.69 -1.55 0.21
N VAL B 36 9.12 -2.42 1.02
CA VAL B 36 7.89 -3.14 0.66
C VAL B 36 6.75 -2.15 0.39
N GLU B 37 6.59 -1.18 1.29
CA GLU B 37 5.52 -0.19 1.17
C GLU B 37 5.57 0.65 -0.12
N LEU B 38 6.75 1.14 -0.46
CA LEU B 38 6.90 1.98 -1.66
C LEU B 38 6.77 1.23 -2.98
N PHE B 39 6.75 -0.10 -2.92
CA PHE B 39 6.61 -0.90 -4.13
C PHE B 39 5.12 -1.17 -4.36
N PRO B 40 4.59 -0.84 -5.56
CA PRO B 40 5.21 -0.24 -6.74
C PRO B 40 4.77 1.20 -7.00
N ASN B 41 4.01 1.78 -6.07
CA ASN B 41 3.47 3.12 -6.28
C ASN B 41 4.13 4.26 -5.52
N GLY B 42 5.27 4.01 -4.91
CA GLY B 42 5.94 5.07 -4.19
C GLY B 42 7.34 5.32 -4.65
N GLN B 43 7.85 6.50 -4.35
CA GLN B 43 9.20 6.90 -4.72
C GLN B 43 9.76 7.82 -3.66
N SER B 44 10.86 7.39 -3.05
CA SER B 44 11.52 8.18 -2.02
C SER B 44 12.66 8.98 -2.64
N VAL B 45 12.72 10.26 -2.32
CA VAL B 45 13.77 11.13 -2.82
C VAL B 45 14.07 12.08 -1.66
N GLY B 46 15.26 11.97 -1.08
CA GLY B 46 15.60 12.81 0.04
C GLY B 46 14.68 12.48 1.20
N GLU B 47 14.10 13.51 1.82
CA GLU B 47 13.19 13.32 2.95
C GLU B 47 11.73 13.27 2.48
N LYS B 48 11.53 13.40 1.18
CA LYS B 48 10.19 13.40 0.58
C LYS B 48 9.78 12.05 0.00
N ILE B 49 8.47 11.80 0.02
CA ILE B 49 7.94 10.57 -0.55
C ILE B 49 6.77 10.90 -1.46
N PHE B 50 6.86 10.46 -2.72
CA PHE B 50 5.79 10.66 -3.69
C PHE B 50 5.03 9.35 -3.73
N LYS B 51 3.70 9.42 -3.82
CA LYS B 51 2.91 8.20 -3.95
C LYS B 51 1.73 8.48 -4.86
N THR B 52 1.54 7.64 -5.86
CA THR B 52 0.43 7.82 -6.78
C THR B 52 -0.76 6.97 -6.35
N ALA B 53 -1.95 7.52 -6.55
CA ALA B 53 -3.19 6.83 -6.22
C ALA B 53 -3.43 5.79 -7.30
N GLY B 54 -2.75 5.96 -8.44
CA GLY B 54 -2.90 5.02 -9.53
C GLY B 54 -4.01 5.32 -10.51
N PHE B 55 -4.71 6.43 -10.34
CA PHE B 55 -5.78 6.81 -11.25
C PHE B 55 -5.79 8.30 -11.54
N VAL B 56 -6.62 8.72 -12.49
CA VAL B 56 -6.69 10.12 -12.86
C VAL B 56 -7.90 10.84 -12.27
N LYS B 57 -7.74 12.14 -12.02
CA LYS B 57 -8.81 12.97 -11.45
C LYS B 57 -8.55 14.43 -11.84
N PRO B 58 -9.61 15.25 -11.87
CA PRO B 58 -9.45 16.67 -12.22
C PRO B 58 -8.64 17.29 -11.08
N PHE B 59 -8.01 18.43 -11.33
CA PHE B 59 -7.20 19.09 -10.32
C PHE B 59 -7.81 19.28 -8.94
N THR B 60 -9.01 19.85 -8.88
CA THR B 60 -9.67 20.10 -7.61
C THR B 60 -9.85 18.83 -6.79
N GLU B 61 -10.28 17.75 -7.43
CA GLU B 61 -10.46 16.49 -6.72
C GLU B 61 -9.13 15.88 -6.30
N ALA B 62 -8.14 15.97 -7.19
CA ALA B 62 -6.82 15.44 -6.88
C ALA B 62 -6.23 16.17 -5.67
N GLN B 63 -6.38 17.50 -5.68
CA GLN B 63 -5.89 18.32 -4.58
C GLN B 63 -6.53 17.93 -3.25
N LEU B 64 -7.85 17.74 -3.25
CA LEU B 64 -8.55 17.35 -2.05
C LEU B 64 -8.08 16.00 -1.52
N LEU B 65 -7.88 15.05 -2.43
CA LEU B 65 -7.42 13.71 -2.05
C LEU B 65 -6.10 13.77 -1.31
N CYS B 66 -5.15 14.54 -1.83
CA CYS B 66 -3.86 14.65 -1.18
C CYS B 66 -3.93 15.35 0.17
N THR B 67 -4.64 16.47 0.22
CA THR B 67 -4.74 17.25 1.45
C THR B 67 -5.46 16.51 2.57
N GLN B 68 -6.53 15.79 2.22
CA GLN B 68 -7.28 15.05 3.22
C GLN B 68 -6.45 13.87 3.74
N ALA B 69 -5.49 13.43 2.92
CA ALA B 69 -4.60 12.32 3.31
C ALA B 69 -3.42 12.83 4.14
N GLY B 70 -3.39 14.13 4.38
CA GLY B 70 -2.31 14.68 5.18
C GLY B 70 -1.07 15.08 4.39
N GLY B 71 -1.22 15.18 3.07
CA GLY B 71 -0.11 15.58 2.22
C GLY B 71 -0.57 16.66 1.29
N GLN B 72 -0.01 16.71 0.09
CA GLN B 72 -0.40 17.70 -0.91
C GLN B 72 0.03 17.18 -2.27
N LEU B 73 -0.45 17.80 -3.34
CA LEU B 73 -0.08 17.35 -4.68
C LEU B 73 1.42 17.44 -4.87
N ALA B 74 1.95 16.55 -5.70
CA ALA B 74 3.37 16.50 -6.01
C ALA B 74 3.90 17.90 -6.30
N SER B 75 4.96 18.28 -5.60
CA SER B 75 5.56 19.61 -5.76
C SER B 75 7.08 19.49 -5.86
N PRO B 76 7.61 18.99 -7.00
CA PRO B 76 9.07 18.84 -7.16
C PRO B 76 9.78 20.19 -7.04
N ARG B 77 10.73 20.27 -6.11
CA ARG B 77 11.47 21.51 -5.89
C ARG B 77 12.94 21.44 -6.28
N SER B 78 13.30 20.44 -7.05
CA SER B 78 14.68 20.26 -7.51
C SER B 78 14.66 19.27 -8.65
N ALA B 79 15.78 19.19 -9.39
CA ALA B 79 15.88 18.27 -10.51
C ALA B 79 15.73 16.84 -9.99
N ALA B 80 16.32 16.60 -8.83
CA ALA B 80 16.27 15.30 -8.19
C ALA B 80 14.83 14.85 -7.92
N GLU B 81 14.03 15.72 -7.31
CA GLU B 81 12.65 15.38 -7.01
C GLU B 81 11.86 15.22 -8.31
N ASN B 82 12.14 16.08 -9.29
CA ASN B 82 11.42 16.01 -10.55
C ASN B 82 11.69 14.66 -11.23
N ALA B 83 12.93 14.21 -11.15
CA ALA B 83 13.30 12.92 -11.75
C ALA B 83 12.59 11.77 -11.05
N ALA B 84 12.46 11.89 -9.73
CA ALA B 84 11.80 10.84 -8.94
C ALA B 84 10.32 10.76 -9.33
N LEU B 85 9.69 11.92 -9.42
CA LEU B 85 8.28 11.98 -9.79
C LEU B 85 8.11 11.41 -11.20
N GLN B 86 9.02 11.76 -12.09
CA GLN B 86 8.96 11.28 -13.46
C GLN B 86 8.92 9.76 -13.52
N GLN B 87 9.62 9.09 -12.63
CA GLN B 87 9.63 7.63 -12.62
C GLN B 87 8.23 7.05 -12.46
N LEU B 88 7.43 7.65 -11.57
CA LEU B 88 6.06 7.19 -11.35
C LEU B 88 5.21 7.46 -12.57
N VAL B 89 5.38 8.63 -13.17
CA VAL B 89 4.64 9.02 -14.36
C VAL B 89 4.96 8.07 -15.51
N VAL B 90 6.23 7.74 -15.66
CA VAL B 90 6.65 6.83 -16.71
C VAL B 90 6.08 5.44 -16.45
N ALA B 91 6.14 4.99 -15.20
CA ALA B 91 5.62 3.68 -14.84
C ALA B 91 4.13 3.54 -15.12
N LYS B 92 3.35 4.58 -14.82
CA LYS B 92 1.91 4.51 -15.06
C LYS B 92 1.58 5.00 -16.47
N ASN B 93 2.57 5.55 -17.15
CA ASN B 93 2.38 6.07 -18.50
C ASN B 93 1.21 7.06 -18.54
N GLU B 94 1.10 7.87 -17.48
CA GLU B 94 0.04 8.88 -17.37
C GLU B 94 0.64 10.18 -16.82
N ALA B 95 0.46 11.29 -17.54
CA ALA B 95 0.97 12.57 -17.08
C ALA B 95 0.22 12.91 -15.78
N ALA B 96 0.90 13.59 -14.86
CA ALA B 96 0.27 13.92 -13.59
C ALA B 96 0.22 15.42 -13.29
N PHE B 97 -0.71 15.80 -12.43
CA PHE B 97 -0.84 17.19 -12.02
C PHE B 97 0.19 17.50 -10.94
N LEU B 98 0.67 18.73 -10.93
CA LEU B 98 1.59 19.18 -9.91
C LEU B 98 0.68 20.03 -9.02
N SER B 99 1.19 20.53 -7.90
CA SER B 99 0.38 21.32 -6.97
C SER B 99 0.24 22.79 -7.34
N MET B 100 1.19 23.30 -8.12
CA MET B 100 1.23 24.72 -8.47
C MET B 100 0.24 25.22 -9.52
N THR B 101 -0.23 26.44 -9.34
CA THR B 101 -1.18 27.06 -10.26
C THR B 101 -0.97 28.58 -10.31
N ASP B 102 -1.60 29.23 -11.29
CA ASP B 102 -1.53 30.67 -11.41
C ASP B 102 -2.99 31.17 -11.47
N SER B 103 -3.83 30.56 -10.65
CA SER B 103 -5.25 30.91 -10.58
C SER B 103 -5.46 32.26 -9.93
N LYS B 104 -4.61 32.62 -8.97
CA LYS B 104 -4.73 33.90 -8.30
C LYS B 104 -4.31 35.02 -9.23
N THR B 105 -3.12 34.90 -9.80
CA THR B 105 -2.59 35.89 -10.72
C THR B 105 -1.98 35.22 -11.96
N GLU B 106 -2.68 35.38 -13.08
CA GLU B 106 -2.24 34.80 -14.35
C GLU B 106 -0.75 35.07 -14.60
N GLY B 107 -0.01 34.02 -14.92
CA GLY B 107 1.40 34.15 -15.19
C GLY B 107 2.28 33.98 -13.96
N LYS B 108 1.68 34.00 -12.79
CA LYS B 108 2.46 33.84 -11.55
C LYS B 108 2.12 32.52 -10.87
N PHE B 109 2.90 31.48 -11.16
CA PHE B 109 2.65 30.20 -10.55
C PHE B 109 3.18 30.13 -9.12
N THR B 110 2.36 29.58 -8.22
CA THR B 110 2.71 29.47 -6.82
C THR B 110 2.33 28.12 -6.23
N TYR B 111 2.94 27.79 -5.09
CA TYR B 111 2.65 26.54 -4.38
C TYR B 111 1.36 26.77 -3.59
N PRO B 112 0.79 25.71 -3.00
CA PRO B 112 -0.44 25.88 -2.22
C PRO B 112 -0.24 26.87 -1.07
N THR B 113 1.02 27.12 -0.73
CA THR B 113 1.37 28.05 0.33
C THR B 113 1.26 29.50 -0.15
N GLY B 114 1.46 29.71 -1.45
CA GLY B 114 1.38 31.04 -2.00
C GLY B 114 2.76 31.55 -2.40
N GLU B 115 3.77 30.74 -2.11
CA GLU B 115 5.16 31.09 -2.45
C GLU B 115 5.45 30.85 -3.92
N SER B 116 6.39 31.63 -4.46
CA SER B 116 6.80 31.50 -5.87
C SER B 116 7.62 30.22 -6.04
N LEU B 117 7.72 29.75 -7.28
CA LEU B 117 8.48 28.53 -7.58
C LEU B 117 9.97 28.74 -7.31
N VAL B 118 10.63 27.69 -6.82
CA VAL B 118 12.06 27.74 -6.55
C VAL B 118 12.74 26.84 -7.58
N TYR B 119 11.93 26.11 -8.34
CA TYR B 119 12.41 25.21 -9.38
C TYR B 119 11.29 25.02 -10.41
N SER B 120 11.66 24.85 -11.66
CA SER B 120 10.68 24.60 -12.73
C SER B 120 11.37 23.89 -13.89
N ASN B 121 10.61 23.07 -14.61
CA ASN B 121 11.17 22.36 -15.75
C ASN B 121 10.21 22.46 -16.92
N TRP B 122 9.83 23.71 -17.21
CA TRP B 122 8.91 24.00 -18.31
C TRP B 122 9.43 23.56 -19.66
N ALA B 123 8.53 22.98 -20.46
CA ALA B 123 8.90 22.58 -21.80
C ALA B 123 9.07 23.90 -22.54
N PRO B 124 9.79 23.89 -23.67
CA PRO B 124 9.99 25.13 -24.44
C PRO B 124 8.67 25.87 -24.74
N GLY B 125 8.64 27.17 -24.45
CA GLY B 125 7.45 27.96 -24.72
C GLY B 125 6.37 27.97 -23.65
N GLU B 126 6.50 27.10 -22.65
CA GLU B 126 5.52 27.05 -21.57
C GLU B 126 5.98 27.88 -20.37
N PRO B 127 5.03 28.39 -19.57
CA PRO B 127 3.57 28.22 -19.73
C PRO B 127 3.06 29.17 -20.80
N ASN B 128 2.03 28.75 -21.54
CA ASN B 128 1.50 29.57 -22.61
C ASN B 128 0.00 29.89 -22.46
N ASP B 129 -0.61 29.45 -21.36
CA ASP B 129 -2.01 29.74 -21.09
C ASP B 129 -2.83 29.59 -22.38
N ASP B 130 -2.68 28.43 -23.01
CA ASP B 130 -3.38 28.12 -24.26
C ASP B 130 -4.88 28.31 -24.11
N GLY B 131 -5.49 28.97 -25.10
CA GLY B 131 -6.92 29.20 -25.07
C GLY B 131 -7.29 30.16 -23.96
N GLY B 132 -6.28 30.75 -23.34
CA GLY B 132 -6.49 31.68 -22.25
C GLY B 132 -7.11 31.02 -21.02
N SER B 133 -6.89 29.72 -20.86
CA SER B 133 -7.47 29.03 -19.72
C SER B 133 -6.69 27.84 -19.14
N GLU B 134 -5.38 27.97 -19.05
CA GLU B 134 -4.56 26.89 -18.48
C GLU B 134 -3.89 27.43 -17.22
N ASP B 135 -4.44 27.07 -16.06
CA ASP B 135 -3.88 27.55 -14.80
C ASP B 135 -3.27 26.46 -13.92
N CYS B 136 -3.32 25.21 -14.37
CA CYS B 136 -2.73 24.12 -13.62
C CYS B 136 -1.49 23.63 -14.36
N VAL B 137 -0.71 22.75 -13.74
CA VAL B 137 0.52 22.24 -14.36
C VAL B 137 0.56 20.72 -14.40
N GLU B 138 0.94 20.18 -15.56
CA GLU B 138 1.05 18.74 -15.70
C GLU B 138 2.50 18.40 -16.03
N ILE B 139 2.95 17.23 -15.59
CA ILE B 139 4.30 16.79 -15.90
C ILE B 139 4.21 15.63 -16.89
N PHE B 140 4.90 15.77 -18.01
CA PHE B 140 4.91 14.75 -19.05
C PHE B 140 5.80 13.57 -18.69
N THR B 141 5.67 12.48 -19.45
CA THR B 141 6.50 11.30 -19.21
C THR B 141 7.98 11.66 -19.47
N ASN B 142 8.22 12.74 -20.22
CA ASN B 142 9.59 13.16 -20.49
C ASN B 142 10.12 14.05 -19.37
N GLY B 143 9.29 14.27 -18.36
CA GLY B 143 9.70 15.08 -17.22
C GLY B 143 9.47 16.57 -17.33
N LYS B 144 9.11 17.06 -18.52
CA LYS B 144 8.88 18.49 -18.70
C LYS B 144 7.51 18.91 -18.23
N TRP B 145 7.37 20.21 -17.95
CA TRP B 145 6.12 20.78 -17.46
C TRP B 145 5.36 21.57 -18.54
N ASN B 146 4.04 21.55 -18.41
CA ASN B 146 3.17 22.27 -19.33
C ASN B 146 1.95 22.74 -18.57
N ASP B 147 1.58 24.00 -18.75
CA ASP B 147 0.40 24.47 -18.05
C ASP B 147 -0.78 23.88 -18.82
N ARG B 148 -1.80 23.44 -18.09
CA ARG B 148 -2.95 22.80 -18.70
C ARG B 148 -4.25 23.15 -17.97
N ALA B 149 -5.36 22.96 -18.66
CA ALA B 149 -6.67 23.23 -18.09
C ALA B 149 -6.86 22.37 -16.84
N CYS B 150 -7.23 23.01 -15.73
CA CYS B 150 -7.43 22.32 -14.47
C CYS B 150 -8.58 21.32 -14.53
N GLY B 151 -9.45 21.50 -15.51
CA GLY B 151 -10.59 20.61 -15.67
C GLY B 151 -10.20 19.25 -16.21
N GLU B 152 -9.00 19.15 -16.78
CA GLU B 152 -8.55 17.88 -17.34
C GLU B 152 -8.28 16.87 -16.23
N LYS B 153 -8.25 15.59 -16.59
CA LYS B 153 -7.99 14.55 -15.60
C LYS B 153 -6.58 14.03 -15.79
N ARG B 154 -5.78 14.11 -14.73
CA ARG B 154 -4.41 13.64 -14.78
C ARG B 154 -4.12 12.73 -13.58
N LEU B 155 -3.05 11.96 -13.67
CA LEU B 155 -2.66 11.04 -12.61
C LEU B 155 -2.49 11.76 -11.28
N VAL B 156 -3.04 11.16 -10.24
CA VAL B 156 -2.95 11.72 -8.89
C VAL B 156 -1.70 11.21 -8.19
N VAL B 157 -0.80 12.14 -7.90
CA VAL B 157 0.43 11.78 -7.19
C VAL B 157 0.56 12.77 -6.05
N CYS B 158 0.60 12.26 -4.82
CA CYS B 158 0.73 13.13 -3.65
C CYS B 158 2.14 13.00 -3.07
N GLU B 159 2.53 14.01 -2.30
CA GLU B 159 3.83 13.96 -1.64
C GLU B 159 3.58 14.01 -0.13
N PHE B 160 4.42 13.28 0.60
CA PHE B 160 4.35 13.18 2.04
C PHE B 160 5.75 13.35 2.64
N ALA C 10 18.55 11.96 39.26
CA ALA C 10 17.43 10.99 39.33
C ALA C 10 16.38 11.29 38.26
N SER C 11 16.36 12.54 37.79
CA SER C 11 15.41 12.95 36.76
C SER C 11 15.58 12.05 35.54
N LEU C 12 16.73 11.40 35.47
CA LEU C 12 17.05 10.49 34.37
C LEU C 12 16.10 9.29 34.42
N ARG C 13 15.58 9.02 35.61
CA ARG C 13 14.65 7.91 35.84
C ARG C 13 13.28 8.19 35.21
N GLN C 14 12.84 9.44 35.28
CA GLN C 14 11.57 9.83 34.71
C GLN C 14 11.69 9.92 33.19
N GLN C 15 12.92 10.18 32.73
CA GLN C 15 13.19 10.28 31.30
C GLN C 15 13.24 8.89 30.67
N VAL C 16 13.77 7.94 31.41
CA VAL C 16 13.86 6.56 30.93
C VAL C 16 12.45 6.00 30.84
N GLU C 17 11.63 6.32 31.84
CA GLU C 17 10.25 5.88 31.91
C GLU C 17 9.49 6.39 30.69
N ALA C 18 9.78 7.61 30.27
CA ALA C 18 9.11 8.19 29.10
C ALA C 18 9.55 7.41 27.86
N LEU C 19 10.85 7.14 27.77
CA LEU C 19 11.38 6.39 26.64
C LEU C 19 10.76 5.00 26.56
N GLN C 20 10.64 4.33 27.70
CA GLN C 20 10.05 2.99 27.73
C GLN C 20 8.63 3.07 27.15
N GLY C 21 7.88 4.09 27.56
CA GLY C 21 6.54 4.26 27.04
C GLY C 21 6.55 4.49 25.54
N GLN C 22 7.49 5.30 25.07
CA GLN C 22 7.59 5.59 23.64
C GLN C 22 7.86 4.32 22.82
N VAL C 23 8.77 3.49 23.30
CA VAL C 23 9.12 2.26 22.59
C VAL C 23 7.98 1.25 22.58
N GLN C 24 7.27 1.12 23.70
CA GLN C 24 6.16 0.18 23.76
C GLN C 24 5.08 0.64 22.80
N HIS C 25 4.85 1.95 22.73
CA HIS C 25 3.85 2.51 21.82
C HIS C 25 4.26 2.23 20.37
N LEU C 26 5.54 2.37 20.07
CA LEU C 26 6.02 2.13 18.72
C LEU C 26 5.90 0.65 18.36
N GLN C 27 6.23 -0.23 19.30
CA GLN C 27 6.13 -1.66 19.05
C GLN C 27 4.69 -2.01 18.71
N ALA C 28 3.75 -1.43 19.44
CA ALA C 28 2.34 -1.70 19.18
C ALA C 28 1.88 -1.11 17.85
N ALA C 29 2.27 0.13 17.58
CA ALA C 29 1.86 0.77 16.32
C ALA C 29 2.49 0.11 15.10
N PHE C 30 3.75 -0.31 15.22
CA PHE C 30 4.47 -0.95 14.12
C PHE C 30 3.83 -2.28 13.76
N SER C 31 3.47 -3.06 14.78
CA SER C 31 2.85 -4.35 14.56
C SER C 31 1.49 -4.22 13.83
N GLN C 32 0.73 -3.19 14.19
CA GLN C 32 -0.56 -2.95 13.54
C GLN C 32 -0.32 -2.52 12.09
N TYR C 33 0.65 -1.63 11.91
CA TYR C 33 0.98 -1.13 10.59
C TYR C 33 1.42 -2.25 9.66
N LYS C 34 2.15 -3.23 10.18
CA LYS C 34 2.61 -4.34 9.36
C LYS C 34 1.43 -5.11 8.74
N LYS C 35 0.41 -5.35 9.55
CA LYS C 35 -0.76 -6.08 9.05
C LYS C 35 -1.46 -5.29 7.95
N VAL C 36 -1.53 -3.98 8.14
CA VAL C 36 -2.17 -3.11 7.17
C VAL C 36 -1.43 -3.13 5.84
N GLU C 37 -0.11 -3.02 5.90
CA GLU C 37 0.71 -3.02 4.70
C GLU C 37 0.58 -4.30 3.88
N LEU C 38 0.68 -5.45 4.54
CA LEU C 38 0.60 -6.75 3.85
C LEU C 38 -0.75 -7.06 3.24
N PHE C 39 -1.79 -6.39 3.72
CA PHE C 39 -3.13 -6.62 3.19
C PHE C 39 -3.37 -5.68 2.00
N PRO C 40 -3.71 -6.25 0.83
CA PRO C 40 -3.90 -7.67 0.56
C PRO C 40 -2.88 -8.22 -0.45
N ASN C 41 -1.80 -7.49 -0.70
CA ASN C 41 -0.82 -7.92 -1.69
C ASN C 41 0.52 -8.43 -1.18
N GLY C 42 0.64 -8.68 0.11
CA GLY C 42 1.90 -9.16 0.63
C GLY C 42 1.80 -10.41 1.48
N GLN C 43 2.94 -11.09 1.61
CA GLN C 43 3.02 -12.30 2.40
C GLN C 43 4.34 -12.34 3.13
N SER C 44 4.27 -12.51 4.45
CA SER C 44 5.46 -12.59 5.28
C SER C 44 5.78 -14.06 5.54
N VAL C 45 7.00 -14.47 5.25
CA VAL C 45 7.42 -15.85 5.49
C VAL C 45 8.86 -15.80 6.00
N GLY C 46 9.02 -16.10 7.28
CA GLY C 46 10.35 -16.05 7.87
C GLY C 46 10.82 -14.60 7.88
N GLU C 47 12.01 -14.35 7.36
CA GLU C 47 12.56 -13.00 7.30
C GLU C 47 12.24 -12.36 5.95
N LYS C 48 11.63 -13.14 5.07
CA LYS C 48 11.30 -12.67 3.72
C LYS C 48 9.87 -12.15 3.57
N ILE C 49 9.70 -11.18 2.68
CA ILE C 49 8.39 -10.64 2.39
C ILE C 49 8.16 -10.61 0.89
N PHE C 50 7.06 -11.23 0.46
CA PHE C 50 6.69 -11.25 -0.95
C PHE C 50 5.63 -10.19 -1.13
N LYS C 51 5.68 -9.47 -2.24
CA LYS C 51 4.66 -8.47 -2.53
C LYS C 51 4.44 -8.39 -4.03
N THR C 52 3.17 -8.48 -4.44
CA THR C 52 2.82 -8.41 -5.85
C THR C 52 2.49 -6.98 -6.25
N ALA C 53 2.83 -6.63 -7.49
CA ALA C 53 2.55 -5.30 -8.02
C ALA C 53 1.10 -5.25 -8.49
N GLY C 54 0.48 -6.42 -8.59
CA GLY C 54 -0.90 -6.49 -9.00
C GLY C 54 -1.14 -6.52 -10.50
N PHE C 55 -0.07 -6.50 -11.30
CA PHE C 55 -0.20 -6.52 -12.75
C PHE C 55 0.85 -7.42 -13.40
N VAL C 56 0.76 -7.61 -14.71
CA VAL C 56 1.71 -8.48 -15.42
C VAL C 56 2.73 -7.71 -16.26
N LYS C 57 3.88 -8.35 -16.49
CA LYS C 57 4.96 -7.78 -17.27
C LYS C 57 5.89 -8.88 -17.76
N PRO C 58 6.60 -8.64 -18.87
CA PRO C 58 7.53 -9.66 -19.39
C PRO C 58 8.64 -9.79 -18.34
N PHE C 59 9.45 -10.84 -18.43
CA PHE C 59 10.51 -11.06 -17.46
C PHE C 59 11.45 -9.87 -17.22
N THR C 60 12.10 -9.41 -18.27
CA THR C 60 13.04 -8.29 -18.17
C THR C 60 12.45 -7.10 -17.44
N GLU C 61 11.23 -6.72 -17.83
CA GLU C 61 10.54 -5.60 -17.20
C GLU C 61 10.32 -5.88 -15.70
N ALA C 62 9.76 -7.04 -15.41
CA ALA C 62 9.48 -7.44 -14.03
C ALA C 62 10.73 -7.42 -13.16
N GLN C 63 11.81 -7.97 -13.70
CA GLN C 63 13.08 -8.03 -13.00
C GLN C 63 13.58 -6.63 -12.66
N LEU C 64 13.44 -5.71 -13.62
CA LEU C 64 13.89 -4.34 -13.43
C LEU C 64 13.10 -3.64 -12.33
N LEU C 65 11.78 -3.83 -12.32
CA LEU C 65 10.91 -3.23 -11.32
C LEU C 65 11.33 -3.63 -9.91
N CYS C 66 11.56 -4.91 -9.71
CA CYS C 66 11.96 -5.40 -8.39
C CYS C 66 13.33 -4.86 -7.99
N THR C 67 14.29 -4.94 -8.91
CA THR C 67 15.64 -4.48 -8.63
C THR C 67 15.69 -3.00 -8.26
N GLN C 68 14.97 -2.18 -9.01
CA GLN C 68 14.97 -0.74 -8.73
C GLN C 68 14.23 -0.40 -7.44
N ALA C 69 13.33 -1.29 -7.00
CA ALA C 69 12.58 -1.08 -5.77
C ALA C 69 13.37 -1.52 -4.55
N GLY C 70 14.58 -2.02 -4.77
CA GLY C 70 15.39 -2.45 -3.66
C GLY C 70 15.27 -3.93 -3.34
N GLY C 71 14.64 -4.69 -4.22
CA GLY C 71 14.50 -6.12 -3.99
C GLY C 71 14.81 -6.92 -5.24
N GLN C 72 14.13 -8.06 -5.41
CA GLN C 72 14.33 -8.90 -6.59
C GLN C 72 13.09 -9.74 -6.83
N LEU C 73 13.03 -10.41 -7.99
CA LEU C 73 11.89 -11.25 -8.32
C LEU C 73 11.76 -12.37 -7.30
N ALA C 74 10.54 -12.85 -7.08
CA ALA C 74 10.27 -13.92 -6.13
C ALA C 74 11.23 -15.10 -6.34
N SER C 75 11.90 -15.49 -5.26
CA SER C 75 12.87 -16.59 -5.30
C SER C 75 12.63 -17.58 -4.17
N PRO C 76 11.51 -18.32 -4.20
CA PRO C 76 11.21 -19.30 -3.14
C PRO C 76 12.34 -20.30 -2.94
N ARG C 77 12.86 -20.38 -1.72
CA ARG C 77 13.95 -21.29 -1.40
C ARG C 77 13.55 -22.48 -0.53
N SER C 78 12.26 -22.63 -0.27
CA SER C 78 11.77 -23.71 0.56
C SER C 78 10.29 -23.92 0.31
N ALA C 79 9.77 -25.05 0.74
CA ALA C 79 8.35 -25.34 0.55
C ALA C 79 7.55 -24.24 1.24
N ALA C 80 8.06 -23.77 2.37
CA ALA C 80 7.40 -22.72 3.13
C ALA C 80 7.28 -21.44 2.32
N GLU C 81 8.39 -21.00 1.72
CA GLU C 81 8.37 -19.77 0.92
C GLU C 81 7.49 -19.95 -0.31
N ASN C 82 7.54 -21.13 -0.91
CA ASN C 82 6.74 -21.36 -2.11
C ASN C 82 5.25 -21.30 -1.80
N ALA C 83 4.85 -21.83 -0.65
CA ALA C 83 3.44 -21.80 -0.27
C ALA C 83 2.99 -20.37 -0.04
N ALA C 84 3.85 -19.58 0.58
CA ALA C 84 3.55 -18.18 0.85
C ALA C 84 3.34 -17.45 -0.48
N LEU C 85 4.24 -17.70 -1.42
CA LEU C 85 4.15 -17.08 -2.74
C LEU C 85 2.88 -17.53 -3.47
N GLN C 86 2.57 -18.81 -3.34
CA GLN C 86 1.40 -19.40 -3.97
C GLN C 86 0.10 -18.72 -3.54
N GLN C 87 0.04 -18.23 -2.31
CA GLN C 87 -1.16 -17.56 -1.83
C GLN C 87 -1.45 -16.33 -2.70
N LEU C 88 -0.42 -15.56 -2.99
CA LEU C 88 -0.57 -14.37 -3.81
C LEU C 88 -1.01 -14.73 -5.23
N VAL C 89 -0.40 -15.76 -5.78
CA VAL C 89 -0.72 -16.21 -7.13
C VAL C 89 -2.19 -16.63 -7.22
N VAL C 90 -2.64 -17.41 -6.24
CA VAL C 90 -4.02 -17.88 -6.18
C VAL C 90 -5.00 -16.72 -6.00
N ALA C 91 -4.70 -15.82 -5.07
CA ALA C 91 -5.56 -14.67 -4.79
C ALA C 91 -5.77 -13.85 -6.06
N LYS C 92 -4.70 -13.64 -6.81
CA LYS C 92 -4.77 -12.86 -8.04
C LYS C 92 -5.16 -13.70 -9.25
N ASN C 93 -5.14 -15.02 -9.08
CA ASN C 93 -5.48 -15.96 -10.16
C ASN C 93 -4.65 -15.63 -11.39
N GLU C 94 -3.36 -15.36 -11.17
CA GLU C 94 -2.42 -15.04 -12.23
C GLU C 94 -1.06 -15.68 -11.93
N ALA C 95 -0.60 -16.58 -12.80
CA ALA C 95 0.70 -17.22 -12.60
C ALA C 95 1.76 -16.12 -12.58
N ALA C 96 2.83 -16.34 -11.83
CA ALA C 96 3.89 -15.35 -11.72
C ALA C 96 5.28 -15.85 -12.09
N PHE C 97 6.14 -14.90 -12.46
CA PHE C 97 7.51 -15.20 -12.81
C PHE C 97 8.33 -15.35 -11.53
N LEU C 98 9.30 -16.25 -11.57
CA LEU C 98 10.22 -16.42 -10.45
C LEU C 98 11.46 -15.75 -10.98
N SER C 99 12.48 -15.58 -10.13
CA SER C 99 13.71 -14.91 -10.54
C SER C 99 14.69 -15.78 -11.32
N MET C 100 14.56 -17.09 -11.13
CA MET C 100 15.48 -18.03 -11.76
C MET C 100 15.36 -18.23 -13.27
N THR C 101 16.51 -18.40 -13.92
CA THR C 101 16.54 -18.62 -15.37
C THR C 101 17.75 -19.47 -15.76
N ASP C 102 17.67 -20.12 -16.91
CA ASP C 102 18.77 -20.94 -17.40
C ASP C 102 19.22 -20.34 -18.74
N SER C 103 19.15 -19.01 -18.81
CA SER C 103 19.53 -18.26 -20.01
C SER C 103 21.01 -18.37 -20.36
N LYS C 104 21.86 -18.44 -19.34
CA LYS C 104 23.30 -18.55 -19.57
C LYS C 104 23.65 -19.95 -20.08
N THR C 105 23.27 -20.97 -19.33
CA THR C 105 23.53 -22.34 -19.71
C THR C 105 22.25 -23.18 -19.71
N GLU C 106 21.76 -23.48 -20.90
CA GLU C 106 20.54 -24.27 -21.05
C GLU C 106 20.59 -25.51 -20.16
N GLY C 107 19.49 -25.78 -19.46
CA GLY C 107 19.44 -26.95 -18.60
C GLY C 107 19.88 -26.68 -17.18
N LYS C 108 20.52 -25.55 -16.94
CA LYS C 108 20.98 -25.21 -15.60
C LYS C 108 20.41 -23.89 -15.11
N PHE C 109 19.32 -23.98 -14.35
CA PHE C 109 18.68 -22.80 -13.80
C PHE C 109 19.45 -22.25 -12.61
N THR C 110 19.59 -20.93 -12.56
CA THR C 110 20.31 -20.26 -11.49
C THR C 110 19.55 -19.04 -10.97
N TYR C 111 19.96 -18.55 -9.81
CA TYR C 111 19.34 -17.38 -9.20
C TYR C 111 19.96 -16.13 -9.82
N PRO C 112 19.41 -14.95 -9.50
CA PRO C 112 19.95 -13.69 -10.05
C PRO C 112 21.44 -13.57 -9.71
N THR C 113 21.81 -14.10 -8.55
CA THR C 113 23.19 -14.05 -8.08
C THR C 113 24.12 -14.88 -8.97
N GLY C 114 23.72 -16.10 -9.28
CA GLY C 114 24.54 -16.95 -10.12
C GLY C 114 24.62 -18.39 -9.63
N GLU C 115 24.34 -18.60 -8.34
CA GLU C 115 24.36 -19.92 -7.74
C GLU C 115 23.24 -20.81 -8.29
N SER C 116 23.44 -22.12 -8.21
CA SER C 116 22.45 -23.08 -8.69
C SER C 116 21.30 -23.22 -7.70
N LEU C 117 20.17 -23.76 -8.18
CA LEU C 117 18.99 -23.95 -7.34
C LEU C 117 19.26 -24.83 -6.13
N VAL C 118 18.66 -24.47 -5.00
CA VAL C 118 18.82 -25.23 -3.76
C VAL C 118 17.46 -25.82 -3.38
N TYR C 119 16.44 -25.43 -4.13
CA TYR C 119 15.08 -25.90 -3.93
C TYR C 119 14.33 -25.75 -5.25
N SER C 120 13.42 -26.67 -5.54
CA SER C 120 12.62 -26.62 -6.77
C SER C 120 11.28 -27.32 -6.53
N ASN C 121 10.27 -26.92 -7.30
CA ASN C 121 8.95 -27.51 -7.19
C ASN C 121 8.36 -27.67 -8.58
N TRP C 122 9.18 -28.19 -9.50
CA TRP C 122 8.76 -28.39 -10.88
C TRP C 122 7.54 -29.28 -11.07
N ALA C 123 6.69 -28.92 -12.02
CA ALA C 123 5.51 -29.73 -12.34
C ALA C 123 6.06 -30.97 -13.05
N PRO C 124 5.28 -32.06 -13.09
CA PRO C 124 5.75 -33.28 -13.75
C PRO C 124 6.22 -33.02 -15.19
N GLY C 125 7.39 -33.53 -15.53
CA GLY C 125 7.92 -33.35 -16.87
C GLY C 125 8.70 -32.06 -17.10
N GLU C 126 8.58 -31.11 -16.17
CA GLU C 126 9.27 -29.84 -16.30
C GLU C 126 10.59 -29.84 -15.53
N PRO C 127 11.56 -29.03 -15.97
CA PRO C 127 11.56 -28.11 -17.12
C PRO C 127 11.77 -28.88 -18.43
N ASN C 128 11.05 -28.52 -19.48
CA ASN C 128 11.19 -29.21 -20.76
C ASN C 128 11.65 -28.36 -21.94
N ASP C 129 11.95 -27.09 -21.68
CA ASP C 129 12.42 -26.18 -22.72
C ASP C 129 11.61 -26.39 -24.01
N ASP C 130 10.30 -26.30 -23.89
CA ASP C 130 9.38 -26.50 -25.02
C ASP C 130 9.67 -25.50 -26.13
N GLY C 131 9.80 -26.00 -27.36
CA GLY C 131 10.08 -25.14 -28.49
C GLY C 131 11.54 -24.71 -28.51
N GLY C 132 12.31 -25.27 -27.57
CA GLY C 132 13.72 -24.94 -27.48
C GLY C 132 13.96 -23.51 -27.05
N SER C 133 12.95 -22.88 -26.45
CA SER C 133 13.07 -21.49 -26.02
C SER C 133 12.35 -21.11 -24.72
N GLU C 134 12.49 -21.93 -23.68
CA GLU C 134 11.87 -21.63 -22.39
C GLU C 134 12.97 -21.53 -21.34
N ASP C 135 13.39 -20.30 -21.05
CA ASP C 135 14.46 -20.08 -20.08
C ASP C 135 14.06 -19.39 -18.78
N CYS C 136 12.79 -18.98 -18.68
CA CYS C 136 12.33 -18.33 -17.47
C CYS C 136 11.46 -19.32 -16.70
N VAL C 137 10.97 -18.92 -15.54
CA VAL C 137 10.16 -19.81 -14.72
C VAL C 137 8.93 -19.17 -14.15
N GLU C 138 7.80 -19.84 -14.33
CA GLU C 138 6.53 -19.35 -13.82
C GLU C 138 6.01 -20.33 -12.77
N ILE C 139 5.26 -19.81 -11.81
CA ILE C 139 4.67 -20.66 -10.79
C ILE C 139 3.16 -20.56 -10.98
N PHE C 140 2.52 -21.72 -11.12
CA PHE C 140 1.08 -21.78 -11.32
C PHE C 140 0.33 -21.57 -10.01
N THR C 141 -0.98 -21.39 -10.12
CA THR C 141 -1.80 -21.20 -8.92
C THR C 141 -1.74 -22.49 -8.10
N ASN C 142 -1.36 -23.59 -8.72
CA ASN C 142 -1.26 -24.86 -8.00
C ASN C 142 0.07 -24.99 -7.28
N GLY C 143 0.91 -23.95 -7.40
CA GLY C 143 2.20 -23.96 -6.72
C GLY C 143 3.37 -24.55 -7.48
N LYS C 144 3.06 -25.36 -8.50
CA LYS C 144 4.10 -25.99 -9.30
C LYS C 144 4.77 -25.01 -10.27
N TRP C 145 6.03 -25.33 -10.62
CA TRP C 145 6.82 -24.50 -11.52
C TRP C 145 6.84 -25.06 -12.93
N ASN C 146 7.01 -24.17 -13.91
CA ASN C 146 7.11 -24.57 -15.30
C ASN C 146 8.03 -23.59 -16.03
N ASP C 147 8.95 -24.10 -16.84
CA ASP C 147 9.80 -23.17 -17.56
C ASP C 147 8.96 -22.62 -18.71
N ARG C 148 8.99 -21.31 -18.90
CA ARG C 148 8.19 -20.64 -19.92
C ARG C 148 9.02 -19.55 -20.59
N ALA C 149 8.63 -19.17 -21.80
CA ALA C 149 9.37 -18.14 -22.54
C ALA C 149 9.39 -16.83 -21.74
N CYS C 150 10.56 -16.21 -21.65
CA CYS C 150 10.73 -14.97 -20.90
C CYS C 150 9.93 -13.81 -21.48
N GLY C 151 9.54 -13.94 -22.74
CA GLY C 151 8.78 -12.89 -23.39
C GLY C 151 7.32 -12.86 -22.99
N GLU C 152 6.84 -13.91 -22.34
CA GLU C 152 5.44 -13.94 -21.92
C GLU C 152 5.24 -12.98 -20.75
N LYS C 153 4.01 -12.54 -20.55
CA LYS C 153 3.69 -11.61 -19.47
C LYS C 153 3.07 -12.36 -18.30
N ARG C 154 3.65 -12.20 -17.12
CA ARG C 154 3.14 -12.87 -15.93
C ARG C 154 3.07 -11.91 -14.75
N LEU C 155 2.36 -12.31 -13.71
CA LEU C 155 2.21 -11.48 -12.51
C LEU C 155 3.58 -11.13 -11.93
N VAL C 156 3.76 -9.85 -11.61
CA VAL C 156 5.00 -9.37 -11.03
C VAL C 156 4.94 -9.49 -9.51
N VAL C 157 5.84 -10.27 -8.93
CA VAL C 157 5.90 -10.45 -7.49
C VAL C 157 7.36 -10.32 -7.08
N CYS C 158 7.65 -9.37 -6.19
CA CYS C 158 9.02 -9.17 -5.74
C CYS C 158 9.18 -9.68 -4.32
N GLU C 159 10.42 -9.83 -3.88
CA GLU C 159 10.70 -10.26 -2.51
C GLU C 159 11.63 -9.26 -1.88
N PHE C 160 11.43 -9.01 -0.59
CA PHE C 160 12.25 -8.07 0.15
C PHE C 160 12.71 -8.72 1.45
C1 GLC D . -27.69 4.81 -1.48
C2 GLC D . -29.10 5.38 -1.82
C3 GLC D . -30.17 4.29 -1.64
C4 GLC D . -29.80 3.14 -2.65
C5 GLC D . -28.35 2.56 -2.25
C6 GLC D . -27.85 1.42 -3.16
O1 GLC D . -26.50 5.90 -1.67
O2 GLC D . -29.31 6.51 -0.97
O3 GLC D . -31.45 4.86 -1.97
O4 GLC D . -30.76 2.11 -2.50
O5 GLC D . -27.39 3.64 -2.33
O6 GLC D . -27.63 1.71 -4.61
C1 GLC D . -31.42 1.65 -3.84
C2 GLC D . -32.96 1.54 -3.62
C3 GLC D . -33.24 0.46 -2.51
C4 GLC D . -32.69 -0.90 -2.98
C5 GLC D . -31.12 -0.77 -3.20
C6 GLC D . -30.52 -2.13 -3.69
O2 GLC D . -33.45 2.82 -3.23
O3 GLC D . -34.68 0.36 -2.31
O4 GLC D . -32.96 -1.91 -1.95
O5 GLC D . -30.87 0.28 -4.23
O6 GLC D . -29.10 -2.10 -3.93
C1 GLC D . -34.06 -2.80 -1.95
C2 GLC D . -34.66 -2.87 -0.49
C3 GLC D . -33.56 -3.46 0.50
C4 GLC D . -33.21 -4.89 -0.01
C5 GLC D . -32.63 -4.81 -1.47
C6 GLC D . -32.30 -6.19 -2.01
O2 GLC D . -35.04 -1.56 -0.09
O3 GLC D . -34.10 -3.53 1.81
O4 GLC D . -32.22 -5.47 0.85
O5 GLC D . -33.65 -4.17 -2.37
O6 GLC D . -31.78 -6.04 -3.34
C1 GLC E . 5.96 14.27 -23.86
C2 GLC E . 6.29 14.65 -25.33
C3 GLC E . 5.54 15.91 -25.73
C4 GLC E . 4.01 15.58 -25.63
C5 GLC E . 3.68 15.22 -24.11
C6 GLC E . 2.20 14.84 -23.86
O1 GLC E . 6.70 12.93 -23.35
O2 GLC E . 7.72 14.82 -25.38
O3 GLC E . 5.89 16.23 -27.10
O4 GLC E . 3.27 16.73 -25.99
O5 GLC E . 4.49 14.08 -23.70
O6 GLC E . 1.56 13.83 -24.75
C1 GLC E . 2.34 16.57 -27.23
C2 GLC E . 2.59 17.78 -28.18
C3 GLC E . 2.32 19.10 -27.39
C4 GLC E . 0.84 19.11 -26.94
C5 GLC E . 0.57 17.87 -25.99
C6 GLC E . -0.92 17.83 -25.53
O2 GLC E . 3.96 17.72 -28.62
O3 GLC E . 2.57 20.24 -28.26
O4 GLC E . 0.55 20.34 -26.21
O5 GLC E . 0.88 16.62 -26.75
O6 GLC E . -1.24 16.73 -24.67
C1 GLC E . -0.07 21.46 -26.80
C2 GLC E . 0.66 22.79 -26.34
C3 GLC E . 0.44 23.01 -24.79
C4 GLC E . -1.08 23.12 -24.52
C5 GLC E . -1.78 21.79 -24.98
C6 GLC E . -3.28 21.86 -24.77
O2 GLC E . 2.03 22.67 -26.66
O3 GLC E . 1.07 24.21 -24.38
O4 GLC E . -1.31 23.31 -23.12
O5 GLC E . -1.52 21.55 -26.44
O6 GLC E . -3.85 20.63 -25.21
C1 GLC F . -2.29 -25.21 -13.01
C2 GLC F . -2.84 -26.50 -13.64
C3 GLC F . -1.97 -26.92 -14.83
C4 GLC F . -2.05 -25.76 -15.87
C5 GLC F . -1.44 -24.43 -15.21
C6 GLC F . -1.47 -23.20 -16.12
O1 GLC F . -3.17 -24.67 -11.76
O2 GLC F . -2.88 -27.47 -12.59
O3 GLC F . -2.53 -28.13 -15.38
O4 GLC F . -1.26 -26.09 -17.00
O5 GLC F . -2.21 -24.12 -14.02
O6 GLC F . -2.77 -22.79 -16.73
C1 GLC F . -2.03 -26.11 -18.36
C2 GLC F . -1.65 -27.41 -19.12
C3 GLC F . -0.10 -27.43 -19.36
C4 GLC F . 0.27 -26.21 -20.22
C5 GLC F . -0.12 -24.87 -19.47
C6 GLC F . 0.23 -23.64 -20.33
O2 GLC F . -2.05 -28.52 -18.32
O3 GLC F . 0.26 -28.65 -20.07
O4 GLC F . 1.72 -26.22 -20.47
O5 GLC F . -1.60 -24.91 -19.21
O6 GLC F . -0.09 -22.38 -19.73
C1 GLC F . 2.30 -26.68 -21.68
C2 GLC F . 3.61 -27.51 -21.35
C3 GLC F . 4.70 -26.56 -20.72
C4 GLC F . 5.02 -25.45 -21.76
C5 GLC F . 3.72 -24.63 -22.07
C6 GLC F . 3.97 -23.54 -23.11
O2 GLC F . 3.26 -28.55 -20.46
O3 GLC F . 5.87 -27.29 -20.45
O4 GLC F . 6.01 -24.55 -21.22
O5 GLC F . 2.66 -25.55 -22.60
O6 GLC F . 2.76 -22.86 -23.35
CA CA G . -32.73 -5.07 3.40
CA CA H . -31.92 -11.52 8.64
CA CA I . -32.05 -15.36 8.56
CA CA J . 0.33 24.97 -22.12
CA CA K . -2.65 30.56 -16.64
CA CA L . -6.12 32.25 -15.58
CA CA M . 7.88 -25.90 -19.90
CA CA N . 15.63 -23.42 -21.12
CA CA O . 18.14 -21.69 -23.55
#